data_5ETQ
#
_entry.id   5ETQ
#
_cell.length_a   47.630
_cell.length_b   68.200
_cell.length_c   52.820
_cell.angle_alpha   90.00
_cell.angle_beta   106.05
_cell.angle_gamma   90.00
#
_symmetry.space_group_name_H-M   'P 1 21 1'
#
loop_
_entity.id
_entity.type
_entity.pdbx_description
1 polymer '2-amino-4-hydroxy-6-hydroxymethyldihydropteridine pyrophosphokinase'
2 non-polymer 'MAGNESIUM ION'
3 non-polymer 'DIPHOSPHOMETHYLPHOSPHONIC ACID ADENOSYL ESTER'
4 non-polymer 4-{[(2-amino-6-oxo-6,9-dihydro-1H-purin-8-yl)sulfanyl]methyl}benzonitrile
5 non-polymer 'SODIUM ION'
6 water water
#
_entity_poly.entity_id   1
_entity_poly.type   'polypeptide(L)'
_entity_poly.pdbx_seq_one_letter_code
;GSHMIQAYLGLGSNIGDRESQLNDAIKILNEYDGISVSNISPIYETAPVGYTEQPNFLNLCVEIQTTLTVLQLLECCLKT
EE(CSO)LHRIRKERWGPRTLDVDILLYGEEMIDLPKLSVPHPRMNERAFVLIPLNDIAANVVEPRSKLKVKDLVFVDDS
VKRYK
;
_entity_poly.pdbx_strand_id   A,B
#
loop_
_chem_comp.id
_chem_comp.type
_chem_comp.name
_chem_comp.formula
APC non-polymer 'DIPHOSPHOMETHYLPHOSPHONIC ACID ADENOSYL ESTER' 'C11 H18 N5 O12 P3'
MG non-polymer 'MAGNESIUM ION' 'Mg 2'
NA non-polymer 'SODIUM ION' 'Na 1'
YH2 non-polymer 4-{[(2-amino-6-oxo-6,9-dihydro-1H-purin-8-yl)sulfanyl]methyl}benzonitrile 'C13 H10 N6 O S'
#
# COMPACT_ATOMS: atom_id res chain seq x y z
N MET A 4 -14.98 -17.94 17.18
CA MET A 4 -13.57 -17.65 17.40
C MET A 4 -12.79 -17.47 16.10
N ILE A 5 -12.25 -16.28 15.89
CA ILE A 5 -11.57 -15.90 14.66
C ILE A 5 -10.07 -15.71 14.92
N GLN A 6 -9.24 -16.25 14.02
CA GLN A 6 -7.80 -16.02 14.09
C GLN A 6 -7.44 -14.74 13.31
N ALA A 7 -6.87 -13.79 14.00
CA ALA A 7 -6.48 -12.51 13.40
C ALA A 7 -5.02 -12.23 13.67
N TYR A 8 -4.43 -11.34 12.87
CA TYR A 8 -3.02 -10.95 12.99
C TYR A 8 -2.92 -9.45 13.01
N LEU A 9 -2.15 -8.94 13.99
CA LEU A 9 -1.94 -7.51 14.19
C LEU A 9 -0.49 -7.21 13.94
N GLY A 10 -0.24 -6.05 13.35
CA GLY A 10 1.10 -5.51 13.17
C GLY A 10 1.34 -4.37 14.15
N LEU A 11 2.44 -4.45 14.90
CA LEU A 11 2.76 -3.43 15.91
C LEU A 11 4.08 -2.74 15.53
N GLY A 12 4.12 -1.43 15.72
CA GLY A 12 5.32 -0.63 15.48
C GLY A 12 5.52 0.43 16.56
N SER A 13 6.78 0.76 16.83
CA SER A 13 7.16 1.84 17.73
C SER A 13 8.47 2.41 17.26
N ASN A 14 8.58 3.73 17.11
CA ASN A 14 9.83 4.36 16.72
C ASN A 14 10.25 5.59 17.55
N ILE A 15 9.66 5.71 18.74
CA ILE A 15 9.96 6.79 19.65
C ILE A 15 9.73 6.27 21.09
N GLY A 16 10.48 6.81 22.05
CA GLY A 16 10.42 6.37 23.43
C GLY A 16 11.15 5.06 23.61
N ASP A 17 10.83 4.30 24.65
CA ASP A 17 11.41 2.98 24.88
C ASP A 17 10.57 2.03 24.04
N ARG A 18 11.05 1.77 22.83
CA ARG A 18 10.29 1.05 21.79
C ARG A 18 9.91 -0.37 22.25
N GLU A 19 10.88 -1.09 22.80
CA GLU A 19 10.62 -2.48 23.24
C GLU A 19 9.61 -2.56 24.39
N SER A 20 9.75 -1.66 25.37
CA SER A 20 8.88 -1.66 26.53
C SER A 20 7.45 -1.31 26.13
N GLN A 21 7.33 -0.36 25.20
CA GLN A 21 6.04 0.06 24.72
C GLN A 21 5.35 -1.08 23.92
N LEU A 22 6.11 -1.83 23.11
CA LEU A 22 5.54 -2.98 22.39
C LEU A 22 5.08 -4.09 23.35
N ASN A 23 5.90 -4.38 24.38
CA ASN A 23 5.50 -5.38 25.37
C ASN A 23 4.29 -4.94 26.21
N ASP A 24 4.23 -3.67 26.62
CA ASP A 24 3.02 -3.14 27.27
C ASP A 24 1.77 -3.21 26.36
N ALA A 25 1.93 -2.86 25.09
CA ALA A 25 0.81 -2.95 24.15
C ALA A 25 0.24 -4.40 24.05
N ILE A 26 1.12 -5.37 23.99
CA ILE A 26 0.70 -6.78 23.89
C ILE A 26 -0.10 -7.20 25.13
N LYS A 27 0.40 -6.80 26.28
CA LYS A 27 -0.27 -7.08 27.54
C LYS A 27 -1.67 -6.46 27.59
N ILE A 28 -1.78 -5.21 27.14
CA ILE A 28 -3.07 -4.52 27.13
C ILE A 28 -4.02 -5.16 26.15
N LEU A 29 -3.53 -5.47 24.97
CA LEU A 29 -4.38 -6.13 23.99
C LEU A 29 -4.94 -7.47 24.53
N ASN A 30 -4.08 -8.22 25.20
CA ASN A 30 -4.46 -9.52 25.72
C ASN A 30 -5.47 -9.43 26.87
N GLU A 31 -5.47 -8.28 27.57
CA GLU A 31 -6.41 -8.02 28.66
C GLU A 31 -7.83 -7.63 28.26
N TYR A 32 -8.09 -7.29 27.01
CA TYR A 32 -9.50 -7.08 26.59
C TYR A 32 -10.26 -8.37 26.56
N ASP A 33 -11.48 -8.38 27.05
CA ASP A 33 -12.34 -9.54 26.82
C ASP A 33 -12.62 -9.64 25.32
N GLY A 34 -12.62 -10.86 24.82
CA GLY A 34 -12.74 -11.14 23.40
C GLY A 34 -11.45 -11.19 22.60
N ILE A 35 -10.30 -10.86 23.21
CA ILE A 35 -9.00 -10.99 22.55
C ILE A 35 -8.05 -11.83 23.38
N SER A 36 -7.43 -12.81 22.76
CA SER A 36 -6.40 -13.62 23.45
C SER A 36 -5.21 -13.68 22.55
N VAL A 37 -4.07 -13.21 23.02
CA VAL A 37 -2.84 -13.30 22.24
C VAL A 37 -2.34 -14.75 22.31
N SER A 38 -2.24 -15.40 21.14
CA SER A 38 -1.79 -16.80 21.07
C SER A 38 -0.35 -16.96 20.51
N ASN A 39 0.19 -15.96 19.84
CA ASN A 39 1.59 -16.04 19.35
C ASN A 39 2.13 -14.65 19.07
N ILE A 40 3.45 -14.50 19.26
CA ILE A 40 4.13 -13.25 19.08
C ILE A 40 5.40 -13.53 18.28
N SER A 41 5.63 -12.77 17.22
CA SER A 41 6.85 -12.94 16.45
C SER A 41 8.06 -12.40 17.19
N PRO A 42 9.28 -12.75 16.70
CA PRO A 42 10.43 -11.97 17.14
C PRO A 42 10.28 -10.49 16.80
N ILE A 43 11.02 -9.66 17.51
CA ILE A 43 11.08 -8.25 17.25
C ILE A 43 12.15 -7.99 16.18
N TYR A 44 11.82 -7.12 15.22
CA TYR A 44 12.71 -6.67 14.18
C TYR A 44 12.95 -5.15 14.28
N GLU A 45 14.18 -4.71 14.06
CA GLU A 45 14.46 -3.29 13.91
C GLU A 45 14.43 -3.00 12.42
N THR A 46 13.69 -1.98 12.01
CA THR A 46 13.38 -1.78 10.61
C THR A 46 13.55 -0.31 10.18
N ALA A 47 14.02 -0.10 8.94
CA ALA A 47 14.12 1.24 8.35
C ALA A 47 12.73 1.75 8.01
N PRO A 48 12.42 3.03 8.34
CA PRO A 48 11.12 3.58 8.00
C PRO A 48 10.89 3.55 6.52
N VAL A 49 9.69 3.20 6.10
CA VAL A 49 9.33 3.32 4.70
C VAL A 49 8.15 4.26 4.54
N GLY A 50 8.08 4.88 3.36
CA GLY A 50 6.89 5.62 2.89
C GLY A 50 6.87 7.09 3.29
N TYR A 51 8.01 7.60 3.77
CA TYR A 51 8.06 8.95 4.34
C TYR A 51 9.52 9.52 4.27
N THR A 52 9.80 10.57 5.02
CA THR A 52 11.16 11.14 5.07
C THR A 52 12.00 10.25 6.00
N GLU A 53 13.27 10.62 6.17
CA GLU A 53 14.16 10.01 7.16
C GLU A 53 13.53 10.17 8.55
N GLN A 54 13.42 9.05 9.27
CA GLN A 54 12.79 9.05 10.57
C GLN A 54 13.54 8.03 11.44
N PRO A 55 13.32 8.08 12.77
CA PRO A 55 13.95 7.06 13.62
C PRO A 55 13.51 5.65 13.25
N ASN A 56 14.40 4.70 13.38
CA ASN A 56 14.12 3.30 13.11
C ASN A 56 13.03 2.75 14.03
N PHE A 57 12.22 1.86 13.47
CA PHE A 57 11.14 1.21 14.18
C PHE A 57 11.63 -0.08 14.81
N LEU A 58 10.95 -0.46 15.89
CA LEU A 58 10.86 -1.87 16.23
C LEU A 58 9.47 -2.30 15.78
N ASN A 59 9.39 -3.43 15.07
CA ASN A 59 8.15 -4.01 14.57
C ASN A 59 8.04 -5.47 14.95
N LEU A 60 6.81 -5.93 15.14
CA LEU A 60 6.53 -7.32 15.36
C LEU A 60 5.10 -7.57 14.89
N CYS A 61 4.71 -8.84 14.88
CA CYS A 61 3.34 -9.26 14.63
C CYS A 61 2.86 -10.16 15.80
N VAL A 62 1.55 -10.12 16.02
CA VAL A 62 0.89 -10.89 17.02
C VAL A 62 -0.29 -11.65 16.40
N GLU A 63 -0.42 -12.90 16.79
CA GLU A 63 -1.56 -13.71 16.50
C GLU A 63 -2.52 -13.57 17.66
N ILE A 64 -3.79 -13.33 17.34
CA ILE A 64 -4.86 -13.36 18.35
C ILE A 64 -5.96 -14.32 17.94
N GLN A 65 -6.62 -14.84 18.96
CA GLN A 65 -7.87 -15.56 18.82
C GLN A 65 -8.90 -14.58 19.33
N THR A 66 -9.92 -14.27 18.51
CA THR A 66 -10.89 -13.24 18.90
C THR A 66 -12.34 -13.63 18.67
N THR A 67 -13.20 -13.20 19.57
CA THR A 67 -14.64 -13.30 19.39
C THR A 67 -15.26 -11.90 19.12
N LEU A 68 -14.41 -10.89 18.95
CA LEU A 68 -14.89 -9.56 18.61
C LEU A 68 -15.13 -9.44 17.12
N THR A 69 -16.05 -8.55 16.76
CA THR A 69 -16.22 -8.18 15.35
C THR A 69 -14.97 -7.40 14.96
N VAL A 70 -14.73 -7.28 13.67
CA VAL A 70 -13.54 -6.58 13.23
C VAL A 70 -13.54 -5.09 13.64
N LEU A 71 -14.70 -4.44 13.66
CA LEU A 71 -14.79 -3.06 14.17
C LEU A 71 -14.61 -2.94 15.69
N GLN A 72 -15.12 -3.92 16.44
CA GLN A 72 -14.81 -3.98 17.88
C GLN A 72 -13.31 -4.16 18.12
N LEU A 73 -12.69 -5.00 17.30
CA LEU A 73 -11.24 -5.21 17.35
C LEU A 73 -10.48 -3.90 17.04
N LEU A 74 -10.92 -3.17 16.03
CA LEU A 74 -10.27 -1.90 15.71
C LEU A 74 -10.34 -0.95 16.91
N GLU A 75 -11.51 -0.86 17.55
CA GLU A 75 -11.66 -0.01 18.74
C GLU A 75 -10.58 -0.36 19.82
N CYS A 76 -10.38 -1.67 20.07
CA CYS A 76 -9.38 -2.12 21.03
C CYS A 76 -7.94 -1.75 20.64
N CYS A 77 -7.63 -1.89 19.36
CA CYS A 77 -6.32 -1.50 18.83
C CYS A 77 -6.05 0.01 19.05
N LEU A 78 -7.03 0.84 18.69
CA LEU A 78 -6.89 2.29 18.82
C LEU A 78 -6.83 2.73 20.28
N LYS A 79 -7.62 2.10 21.12
CA LYS A 79 -7.55 2.36 22.55
C LYS A 79 -6.18 2.03 23.13
N THR A 80 -5.55 0.96 22.62
CA THR A 80 -4.23 0.56 23.09
C THR A 80 -3.19 1.64 22.73
N GLU A 81 -3.30 2.15 21.52
CA GLU A 81 -2.50 3.31 21.10
C GLU A 81 -2.67 4.53 22.04
N GLU A 82 -3.90 4.81 22.40
CA GLU A 82 -4.22 5.91 23.35
C GLU A 82 -3.57 5.64 24.69
N CSO A 83 -3.61 4.41 25.15
CA CSO A 83 -3.00 4.01 26.41
CB CSO A 83 -3.22 2.50 26.67
SG CSO A 83 -4.82 2.17 27.27
C CSO A 83 -1.53 4.31 26.36
O CSO A 83 -0.99 4.69 27.35
OD CSO A 83 -4.75 2.67 28.97
N LEU A 84 -0.89 4.15 25.22
CA LEU A 84 0.54 4.38 25.01
C LEU A 84 0.85 5.82 24.52
N HIS A 85 -0.12 6.72 24.56
CA HIS A 85 0.06 8.15 24.30
C HIS A 85 0.54 8.49 22.89
N ARG A 86 0.02 7.77 21.93
CA ARG A 86 0.28 8.00 20.54
C ARG A 86 -0.20 9.43 20.26
N ILE A 87 0.66 10.20 19.63
CA ILE A 87 0.43 11.59 19.23
C ILE A 87 -0.07 11.61 17.78
N ARG A 88 -1.04 12.45 17.48
CA ARG A 88 -1.50 12.63 16.09
C ARG A 88 -1.50 14.12 15.73
N LYS A 89 -0.36 14.59 15.24
CA LYS A 89 -0.19 16.01 14.85
C LYS A 89 -0.64 16.20 13.40
N GLU A 90 -0.61 17.43 12.91
CA GLU A 90 -1.06 17.75 11.57
C GLU A 90 -0.27 16.98 10.50
N ARG A 91 1.02 16.79 10.72
CA ARG A 91 1.87 15.94 9.89
C ARG A 91 2.27 14.64 10.58
N TRP A 92 2.51 13.60 9.79
CA TRP A 92 2.96 12.32 10.33
C TRP A 92 4.33 12.49 11.02
N GLY A 93 4.55 11.71 12.04
CA GLY A 93 5.82 11.72 12.73
C GLY A 93 6.03 10.43 13.47
N PRO A 94 7.10 10.40 14.29
CA PRO A 94 7.34 9.23 15.11
C PRO A 94 6.13 8.93 16.04
N ARG A 95 5.96 7.66 16.36
CA ARG A 95 4.84 7.21 17.15
C ARG A 95 5.31 6.22 18.21
N THR A 96 4.74 6.37 19.40
CA THR A 96 4.99 5.46 20.51
C THR A 96 4.49 4.06 20.19
N LEU A 97 3.33 3.99 19.54
CA LEU A 97 2.71 2.72 19.20
C LEU A 97 1.75 2.89 18.03
N ASP A 98 1.87 1.97 17.08
CA ASP A 98 0.93 1.78 16.01
C ASP A 98 0.45 0.33 16.08
N VAL A 99 -0.87 0.11 16.11
CA VAL A 99 -1.47 -1.23 16.12
C VAL A 99 -2.39 -1.32 14.90
N ASP A 100 -1.98 -2.12 13.93
CA ASP A 100 -2.71 -2.29 12.66
C ASP A 100 -3.28 -3.69 12.54
N ILE A 101 -4.54 -3.79 12.11
CA ILE A 101 -5.13 -5.10 11.83
C ILE A 101 -4.65 -5.53 10.46
N LEU A 102 -3.93 -6.63 10.40
CA LEU A 102 -3.38 -7.11 9.12
C LEU A 102 -4.36 -8.04 8.42
N LEU A 103 -4.85 -9.02 9.18
CA LEU A 103 -5.74 -10.07 8.72
C LEU A 103 -6.78 -10.35 9.76
N TYR A 104 -8.01 -10.57 9.31
CA TYR A 104 -9.10 -10.97 10.19
C TYR A 104 -9.74 -12.18 9.54
N GLY A 105 -9.29 -13.36 9.98
CA GLY A 105 -9.64 -14.60 9.33
C GLY A 105 -9.34 -14.47 7.85
N GLU A 106 -10.29 -14.87 7.00
CA GLU A 106 -10.20 -14.69 5.55
C GLU A 106 -11.11 -13.57 5.06
N GLU A 107 -11.51 -12.67 5.95
CA GLU A 107 -12.46 -11.64 5.57
C GLU A 107 -11.77 -10.49 4.80
N MET A 108 -12.55 -9.86 3.92
CA MET A 108 -12.14 -8.66 3.21
C MET A 108 -13.18 -7.57 3.50
N ILE A 109 -12.71 -6.48 4.08
CA ILE A 109 -13.53 -5.39 4.59
C ILE A 109 -13.00 -4.12 3.98
N ASP A 110 -13.88 -3.30 3.46
CA ASP A 110 -13.46 -2.04 2.87
C ASP A 110 -14.41 -0.94 3.30
N LEU A 111 -14.19 -0.41 4.48
CA LEU A 111 -14.99 0.64 5.03
C LEU A 111 -14.15 1.90 5.17
N PRO A 112 -14.79 3.08 5.22
CA PRO A 112 -14.01 4.32 5.42
C PRO A 112 -12.98 4.23 6.56
N LYS A 113 -13.37 3.69 7.69
CA LYS A 113 -12.44 3.61 8.81
C LYS A 113 -11.66 2.31 8.96
N LEU A 114 -11.81 1.39 8.03
CA LEU A 114 -11.22 0.04 8.18
C LEU A 114 -11.06 -0.66 6.84
N SER A 115 -9.83 -0.97 6.49
CA SER A 115 -9.50 -1.81 5.34
C SER A 115 -8.69 -3.01 5.85
N VAL A 116 -9.22 -4.21 5.58
CA VAL A 116 -8.61 -5.48 5.98
C VAL A 116 -8.81 -6.44 4.80
N PRO A 117 -7.78 -7.16 4.38
CA PRO A 117 -6.39 -7.06 4.84
C PRO A 117 -5.82 -5.66 4.70
N HIS A 118 -4.85 -5.35 5.55
CA HIS A 118 -4.23 -4.05 5.54
C HIS A 118 -3.79 -3.76 4.10
N PRO A 119 -4.14 -2.59 3.56
CA PRO A 119 -3.88 -2.34 2.13
C PRO A 119 -2.43 -2.36 1.66
N ARG A 120 -1.48 -2.12 2.55
CA ARG A 120 -0.06 -2.07 2.19
C ARG A 120 0.76 -3.26 2.64
N MET A 121 0.13 -4.26 3.28
CA MET A 121 0.92 -5.31 3.97
C MET A 121 1.74 -6.17 3.01
N ASN A 122 1.22 -6.42 1.81
CA ASN A 122 1.87 -7.35 0.88
C ASN A 122 3.16 -6.83 0.29
N GLU A 123 3.42 -5.53 0.45
CA GLU A 123 4.64 -4.90 -0.06
C GLU A 123 5.55 -4.39 1.05
N ARG A 124 5.34 -4.85 2.28
CA ARG A 124 6.09 -4.34 3.46
C ARG A 124 6.85 -5.46 4.12
N ALA A 125 8.19 -5.44 4.02
CA ALA A 125 9.01 -6.41 4.71
C ALA A 125 8.87 -6.32 6.23
N PHE A 126 8.67 -5.11 6.76
CA PHE A 126 8.52 -4.95 8.22
C PHE A 126 7.24 -5.63 8.78
N VAL A 127 6.28 -5.90 7.89
CA VAL A 127 5.14 -6.76 8.22
C VAL A 127 5.43 -8.22 7.87
N LEU A 128 5.77 -8.51 6.61
CA LEU A 128 5.80 -9.87 6.14
C LEU A 128 6.85 -10.76 6.80
N ILE A 129 8.01 -10.20 7.16
CA ILE A 129 9.05 -10.99 7.75
C ILE A 129 8.62 -11.51 9.15
N PRO A 130 8.21 -10.61 10.06
CA PRO A 130 7.67 -11.11 11.32
C PRO A 130 6.39 -11.92 11.16
N LEU A 131 5.50 -11.54 10.25
CA LEU A 131 4.27 -12.32 10.03
C LEU A 131 4.56 -13.75 9.59
N ASN A 132 5.55 -13.92 8.73
CA ASN A 132 6.01 -15.24 8.32
C ASN A 132 6.52 -16.11 9.49
N ASP A 133 7.11 -15.50 10.52
CA ASP A 133 7.53 -16.26 11.71
C ASP A 133 6.35 -16.96 12.42
N ILE A 134 5.16 -16.37 12.35
CA ILE A 134 4.00 -16.88 13.10
C ILE A 134 2.82 -17.31 12.23
N ALA A 135 2.87 -17.01 10.94
CA ALA A 135 1.70 -17.24 10.08
C ALA A 135 2.08 -17.65 8.66
N ALA A 136 3.17 -18.42 8.56
CA ALA A 136 3.73 -18.82 7.27
C ALA A 136 2.69 -19.44 6.33
N ASN A 137 1.77 -20.23 6.91
CA ASN A 137 0.76 -20.97 6.16
C ASN A 137 -0.63 -20.36 6.07
N VAL A 138 -0.77 -19.16 6.62
CA VAL A 138 -2.04 -18.43 6.57
C VAL A 138 -2.20 -17.76 5.19
N VAL A 139 -3.43 -17.81 4.66
CA VAL A 139 -3.72 -17.34 3.33
C VAL A 139 -4.15 -15.88 3.43
N GLU A 140 -3.45 -15.03 2.69
CA GLU A 140 -3.84 -13.62 2.51
C GLU A 140 -4.97 -13.64 1.46
N PRO A 141 -6.21 -13.26 1.85
CA PRO A 141 -7.37 -13.53 0.99
C PRO A 141 -7.49 -12.74 -0.32
N ARG A 142 -6.88 -11.56 -0.44
CA ARG A 142 -6.96 -10.81 -1.73
C ARG A 142 -6.11 -11.49 -2.79
N SER A 143 -4.84 -11.74 -2.47
CA SER A 143 -3.89 -12.42 -3.38
C SER A 143 -4.14 -13.93 -3.47
N LYS A 144 -4.74 -14.48 -2.42
CA LYS A 144 -4.93 -15.92 -2.22
C LYS A 144 -3.63 -16.70 -2.04
N LEU A 145 -2.58 -16.01 -1.64
CA LEU A 145 -1.29 -16.64 -1.41
C LEU A 145 -1.08 -16.81 0.08
N LYS A 146 -0.35 -17.85 0.45
CA LYS A 146 0.16 -17.95 1.83
C LYS A 146 1.19 -16.87 2.09
N VAL A 147 1.29 -16.45 3.34
CA VAL A 147 2.28 -15.47 3.75
C VAL A 147 3.71 -15.89 3.33
N LYS A 148 4.03 -17.17 3.44
CA LYS A 148 5.38 -17.63 3.05
C LYS A 148 5.69 -17.46 1.57
N ASP A 149 4.66 -17.34 0.74
CA ASP A 149 4.83 -17.05 -0.69
C ASP A 149 4.83 -15.55 -1.02
N LEU A 150 4.45 -14.71 -0.07
CA LEU A 150 4.53 -13.25 -0.19
C LEU A 150 5.84 -12.70 0.37
N VAL A 151 6.36 -13.33 1.43
CA VAL A 151 7.54 -12.76 2.12
C VAL A 151 8.73 -12.67 1.17
N PHE A 152 9.50 -11.60 1.30
CA PHE A 152 10.72 -11.43 0.53
C PHE A 152 11.86 -10.94 1.42
N VAL A 153 13.10 -11.21 0.98
CA VAL A 153 14.29 -10.82 1.75
C VAL A 153 14.39 -9.28 1.69
N ASP A 154 14.66 -8.67 2.84
CA ASP A 154 14.90 -7.22 2.88
C ASP A 154 15.93 -6.93 3.96
N ASP A 155 17.09 -6.44 3.55
CA ASP A 155 18.17 -6.18 4.53
C ASP A 155 17.93 -4.97 5.44
N SER A 156 16.89 -4.15 5.16
CA SER A 156 16.47 -3.07 6.06
C SER A 156 15.65 -3.56 7.27
N VAL A 157 15.38 -4.87 7.35
CA VAL A 157 14.66 -5.49 8.44
C VAL A 157 15.63 -6.48 9.09
N LYS A 158 15.98 -6.24 10.36
CA LYS A 158 16.96 -7.07 11.08
C LYS A 158 16.36 -7.52 12.41
N ARG A 159 16.67 -8.75 12.81
CA ARG A 159 16.29 -9.24 14.14
C ARG A 159 16.88 -8.32 15.21
N TYR A 160 16.09 -7.85 16.16
CA TYR A 160 16.56 -6.87 17.13
C TYR A 160 17.40 -7.55 18.23
N MET B 4 -8.33 22.28 -15.92
CA MET B 4 -8.89 22.52 -14.56
C MET B 4 -8.14 21.81 -13.44
N ILE B 5 -8.37 20.51 -13.21
CA ILE B 5 -7.59 19.82 -12.20
C ILE B 5 -6.39 19.05 -12.74
N GLN B 6 -5.27 19.16 -12.08
CA GLN B 6 -4.09 18.41 -12.46
C GLN B 6 -4.10 17.05 -11.76
N ALA B 7 -4.13 15.98 -12.55
CA ALA B 7 -4.16 14.61 -12.02
C ALA B 7 -3.00 13.80 -12.59
N TYR B 8 -2.65 12.70 -11.91
CA TYR B 8 -1.54 11.84 -12.32
C TYR B 8 -2.03 10.42 -12.32
N LEU B 9 -1.72 9.72 -13.41
CA LEU B 9 -2.12 8.35 -13.60
C LEU B 9 -0.86 7.51 -13.66
N GLY B 10 -0.96 6.31 -13.12
CA GLY B 10 0.07 5.26 -13.24
C GLY B 10 -0.38 4.20 -14.22
N LEU B 11 0.48 3.89 -15.18
CA LEU B 11 0.16 2.88 -16.22
C LEU B 11 1.15 1.72 -16.13
N GLY B 12 0.64 0.51 -16.29
CA GLY B 12 1.46 -0.70 -16.33
C GLY B 12 0.97 -1.68 -17.38
N SER B 13 1.91 -2.45 -17.92
CA SER B 13 1.64 -3.53 -18.85
C SER B 13 2.71 -4.58 -18.69
N ASN B 14 2.32 -5.85 -18.54
CA ASN B 14 3.31 -6.96 -18.53
C ASN B 14 2.96 -8.16 -19.40
N ILE B 15 2.14 -7.95 -20.41
CA ILE B 15 1.85 -9.00 -21.40
C ILE B 15 1.51 -8.31 -22.73
N GLY B 16 1.90 -8.95 -23.84
CA GLY B 16 1.71 -8.34 -25.15
C GLY B 16 2.86 -7.42 -25.49
N ASP B 17 2.62 -6.52 -26.43
CA ASP B 17 3.58 -5.51 -26.81
C ASP B 17 3.39 -4.36 -25.82
N ARG B 18 4.17 -4.38 -24.76
CA ARG B 18 3.93 -3.57 -23.57
C ARG B 18 4.02 -2.09 -23.91
N GLU B 19 5.05 -1.72 -24.67
CA GLU B 19 5.26 -0.32 -25.05
C GLU B 19 4.14 0.20 -25.95
N SER B 20 3.75 -0.57 -26.95
CA SER B 20 2.68 -0.17 -27.86
C SER B 20 1.36 0.00 -27.14
N GLN B 21 1.09 -0.91 -26.22
CA GLN B 21 -0.14 -0.89 -25.45
C GLN B 21 -0.19 0.34 -24.53
N LEU B 22 0.94 0.68 -23.91
CA LEU B 22 1.04 1.89 -23.12
C LEU B 22 0.81 3.14 -23.98
N ASN B 23 1.46 3.20 -25.13
CA ASN B 23 1.27 4.34 -26.03
C ASN B 23 -0.17 4.46 -26.55
N ASP B 24 -0.81 3.35 -26.94
CA ASP B 24 -2.23 3.33 -27.32
C ASP B 24 -3.10 3.81 -26.17
N ALA B 25 -2.83 3.35 -24.96
CA ALA B 25 -3.60 3.78 -23.81
C ALA B 25 -3.52 5.30 -23.59
N ILE B 26 -2.32 5.86 -23.73
CA ILE B 26 -2.14 7.31 -23.58
C ILE B 26 -2.95 8.07 -24.63
N LYS B 27 -2.92 7.57 -25.86
CA LYS B 27 -3.66 8.18 -26.94
C LYS B 27 -5.15 8.15 -26.70
N ILE B 28 -5.65 7.01 -26.21
CA ILE B 28 -7.08 6.86 -25.92
C ILE B 28 -7.49 7.78 -24.77
N LEU B 29 -6.69 7.81 -23.72
CA LEU B 29 -6.99 8.67 -22.59
C LEU B 29 -7.08 10.15 -23.06
N ASN B 30 -6.14 10.56 -23.91
CA ASN B 30 -6.05 11.94 -24.37
C ASN B 30 -7.21 12.30 -25.28
N GLU B 31 -7.81 11.30 -25.95
CA GLU B 31 -8.98 11.49 -26.78
C GLU B 31 -10.32 11.71 -26.08
N TYR B 32 -10.45 11.42 -24.79
CA TYR B 32 -11.70 11.73 -24.11
C TYR B 32 -11.85 13.24 -23.99
N ASP B 33 -13.05 13.74 -24.19
CA ASP B 33 -13.33 15.11 -23.78
C ASP B 33 -13.21 15.18 -22.26
N GLY B 34 -12.63 16.28 -21.80
CA GLY B 34 -12.34 16.48 -20.39
C GLY B 34 -11.02 15.99 -19.87
N ILE B 35 -10.24 15.29 -20.70
CA ILE B 35 -8.90 14.85 -20.35
C ILE B 35 -7.88 15.33 -21.40
N SER B 36 -6.82 15.96 -20.97
CA SER B 36 -5.73 16.33 -21.87
C SER B 36 -4.43 15.84 -21.21
N VAL B 37 -3.68 14.99 -21.90
CA VAL B 37 -2.38 14.55 -21.40
C VAL B 37 -1.37 15.68 -21.60
N SER B 38 -0.79 16.19 -20.51
CA SER B 38 0.15 17.27 -20.59
C SER B 38 1.61 16.83 -20.39
N ASN B 39 1.85 15.65 -19.82
CA ASN B 39 3.22 15.17 -19.69
C ASN B 39 3.24 13.66 -19.54
N ILE B 40 4.32 13.03 -20.00
CA ILE B 40 4.49 11.59 -19.94
C ILE B 40 5.92 11.34 -19.42
N SER B 41 6.07 10.48 -18.42
CA SER B 41 7.40 10.13 -17.92
C SER B 41 8.13 9.22 -18.89
N PRO B 42 9.46 9.07 -18.71
CA PRO B 42 10.10 7.94 -19.35
C PRO B 42 9.46 6.61 -18.91
N ILE B 43 9.66 5.62 -19.75
CA ILE B 43 9.23 4.25 -19.47
C ILE B 43 10.31 3.51 -18.68
N TYR B 44 9.87 2.79 -17.67
CA TYR B 44 10.73 1.92 -16.85
C TYR B 44 10.32 0.46 -16.96
N GLU B 45 11.29 -0.45 -16.99
CA GLU B 45 11.01 -1.89 -16.89
C GLU B 45 11.18 -2.25 -15.42
N THR B 46 10.20 -2.93 -14.85
CA THR B 46 10.14 -3.10 -13.41
C THR B 46 9.82 -4.56 -13.03
N ALA B 47 10.46 -5.04 -11.95
CA ALA B 47 10.16 -6.36 -11.39
C ALA B 47 8.77 -6.33 -10.72
N PRO B 48 7.90 -7.36 -10.96
CA PRO B 48 6.59 -7.36 -10.30
C PRO B 48 6.74 -7.36 -8.81
N VAL B 49 5.90 -6.61 -8.11
CA VAL B 49 5.89 -6.67 -6.65
C VAL B 49 4.51 -7.11 -6.18
N GLY B 50 4.51 -7.77 -5.03
CA GLY B 50 3.28 -8.04 -4.26
C GLY B 50 2.62 -9.36 -4.61
N TYR B 51 3.32 -10.24 -5.34
CA TYR B 51 2.72 -11.46 -5.86
C TYR B 51 3.79 -12.57 -6.15
N THR B 52 3.44 -13.59 -6.93
CA THR B 52 4.41 -14.59 -7.35
C THR B 52 5.27 -14.02 -8.50
N GLU B 53 6.18 -14.83 -9.02
CA GLU B 53 6.98 -14.42 -10.13
C GLU B 53 6.06 -14.29 -11.32
N GLN B 54 6.22 -13.23 -12.06
CA GLN B 54 5.37 -12.94 -13.18
C GLN B 54 6.22 -12.20 -14.19
N PRO B 55 5.76 -12.08 -15.42
CA PRO B 55 6.54 -11.29 -16.41
C PRO B 55 6.78 -9.84 -15.96
N ASN B 56 7.92 -9.29 -16.32
CA ASN B 56 8.26 -7.91 -15.97
C ASN B 56 7.31 -6.92 -16.62
N PHE B 57 7.05 -5.84 -15.90
CA PHE B 57 6.24 -4.75 -16.37
C PHE B 57 7.03 -3.72 -17.12
N LEU B 58 6.36 -3.00 -18.02
CA LEU B 58 6.76 -1.63 -18.31
C LEU B 58 5.77 -0.74 -17.55
N ASN B 59 6.30 0.28 -16.88
CA ASN B 59 5.52 1.24 -16.13
C ASN B 59 5.88 2.68 -16.53
N LEU B 60 4.90 3.57 -16.45
CA LEU B 60 5.16 4.99 -16.62
C LEU B 60 4.11 5.75 -15.83
N CYS B 61 4.26 7.06 -15.76
CA CYS B 61 3.24 7.94 -15.27
C CYS B 61 2.88 9.02 -16.29
N VAL B 62 1.63 9.48 -16.23
CA VAL B 62 1.15 10.55 -17.09
C VAL B 62 0.52 11.66 -16.23
N GLU B 63 0.76 12.89 -16.66
CA GLU B 63 0.10 14.07 -16.12
C GLU B 63 -1.05 14.41 -17.02
N ILE B 64 -2.23 14.62 -16.43
CA ILE B 64 -3.40 15.11 -17.18
C ILE B 64 -3.94 16.40 -16.58
N GLN B 65 -4.50 17.22 -17.45
CA GLN B 65 -5.33 18.36 -17.05
C GLN B 65 -6.75 17.89 -17.30
N THR B 66 -7.59 17.93 -16.27
CA THR B 66 -8.94 17.38 -16.42
C THR B 66 -10.06 18.27 -15.85
N THR B 67 -11.20 18.26 -16.54
CA THR B 67 -12.42 18.89 -16.05
C THR B 67 -13.46 17.83 -15.64
N LEU B 68 -13.06 16.57 -15.65
CA LEU B 68 -13.95 15.49 -15.20
C LEU B 68 -13.90 15.38 -13.68
N THR B 69 -15.00 14.89 -13.13
CA THR B 69 -15.04 14.52 -11.71
C THR B 69 -14.12 13.29 -11.58
N VAL B 70 -13.68 13.00 -10.37
CA VAL B 70 -12.79 11.89 -10.19
C VAL B 70 -13.44 10.56 -10.58
N LEU B 71 -14.75 10.40 -10.35
CA LEU B 71 -15.46 9.20 -10.77
C LEU B 71 -15.62 9.11 -12.29
N GLN B 72 -15.84 10.26 -12.94
CA GLN B 72 -15.84 10.27 -14.42
C GLN B 72 -14.47 9.87 -14.94
N LEU B 73 -13.43 10.35 -14.29
CA LEU B 73 -12.05 10.00 -14.64
C LEU B 73 -11.80 8.50 -14.46
N LEU B 74 -12.24 7.93 -13.35
CA LEU B 74 -12.12 6.48 -13.15
C LEU B 74 -12.81 5.68 -14.28
N GLU B 75 -14.01 6.08 -14.65
CA GLU B 75 -14.72 5.42 -15.75
C GLU B 75 -13.86 5.43 -17.04
N CYS B 76 -13.26 6.58 -17.37
CA CYS B 76 -12.37 6.68 -18.53
C CYS B 76 -11.15 5.77 -18.46
N CYS B 77 -10.54 5.69 -17.29
CA CYS B 77 -9.40 4.77 -17.04
C CYS B 77 -9.78 3.29 -17.25
N LEU B 78 -10.90 2.88 -16.67
CA LEU B 78 -11.36 1.50 -16.78
C LEU B 78 -11.81 1.15 -18.19
N LYS B 79 -12.47 2.09 -18.85
CA LYS B 79 -12.82 1.91 -20.26
C LYS B 79 -11.56 1.73 -21.14
N THR B 80 -10.49 2.47 -20.82
CA THR B 80 -9.25 2.37 -21.57
C THR B 80 -8.65 0.97 -21.41
N GLU B 81 -8.66 0.45 -20.19
CA GLU B 81 -8.28 -0.97 -19.94
C GLU B 81 -9.08 -1.96 -20.78
N GLU B 82 -10.39 -1.77 -20.84
CA GLU B 82 -11.27 -2.58 -21.68
C GLU B 82 -10.87 -2.45 -23.16
N CSO B 83 -10.57 -1.25 -23.62
CA CSO B 83 -10.14 -0.99 -25.00
CB CSO B 83 -9.84 0.48 -25.21
SG CSO B 83 -11.24 1.51 -25.31
C CSO B 83 -8.87 -1.80 -25.27
O CSO B 83 -8.70 -2.29 -26.37
OD CSO B 83 -12.07 1.01 -26.75
N LEU B 84 -8.00 -1.91 -24.30
CA LEU B 84 -6.77 -2.71 -24.39
C LEU B 84 -6.91 -4.20 -23.95
N HIS B 85 -8.14 -4.68 -23.79
CA HIS B 85 -8.43 -6.11 -23.60
C HIS B 85 -7.82 -6.69 -22.33
N ARG B 86 -7.79 -5.90 -21.30
CA ARG B 86 -7.37 -6.35 -20.01
C ARG B 86 -8.36 -7.47 -19.57
N ILE B 87 -7.79 -8.57 -19.14
CA ILE B 87 -8.47 -9.78 -18.63
C ILE B 87 -8.44 -9.76 -17.10
N ARG B 88 -9.59 -9.99 -16.48
CA ARG B 88 -9.72 -10.07 -15.01
C ARG B 88 -10.28 -11.47 -14.66
N LYS B 89 -9.38 -12.43 -14.38
CA LYS B 89 -9.77 -13.78 -13.98
C LYS B 89 -9.92 -13.84 -12.45
N GLU B 90 -10.35 -15.01 -11.94
CA GLU B 90 -10.55 -15.21 -10.51
C GLU B 90 -9.28 -14.89 -9.69
N ARG B 91 -8.14 -15.31 -10.16
CA ARG B 91 -6.90 -15.00 -9.53
C ARG B 91 -6.11 -13.96 -10.35
N TRP B 92 -5.29 -13.16 -9.68
CA TRP B 92 -4.52 -12.12 -10.33
C TRP B 92 -3.54 -12.73 -11.32
N GLY B 93 -3.27 -12.00 -12.38
CA GLY B 93 -2.36 -12.44 -13.42
C GLY B 93 -1.86 -11.30 -14.26
N PRO B 94 -1.06 -11.62 -15.29
CA PRO B 94 -0.58 -10.57 -16.21
C PRO B 94 -1.72 -9.77 -16.82
N ARG B 95 -1.42 -8.53 -17.15
CA ARG B 95 -2.39 -7.60 -17.68
C ARG B 95 -1.79 -6.80 -18.83
N THR B 96 -2.61 -6.62 -19.86
CA THR B 96 -2.24 -5.82 -21.01
C THR B 96 -2.09 -4.36 -20.61
N LEU B 97 -2.97 -3.91 -19.71
CA LEU B 97 -2.98 -2.55 -19.26
C LEU B 97 -3.65 -2.41 -17.90
N ASP B 98 -2.98 -1.66 -17.04
CA ASP B 98 -3.52 -1.20 -15.76
C ASP B 98 -3.42 0.32 -15.75
N VAL B 99 -4.54 1.02 -15.51
CA VAL B 99 -4.56 2.49 -15.44
C VAL B 99 -5.07 2.86 -14.06
N ASP B 100 -4.18 3.36 -13.23
CA ASP B 100 -4.52 3.72 -11.82
C ASP B 100 -4.46 5.21 -11.62
N ILE B 101 -5.45 5.76 -10.93
CA ILE B 101 -5.44 7.17 -10.60
C ILE B 101 -4.54 7.27 -9.38
N LEU B 102 -3.45 8.01 -9.51
CA LEU B 102 -2.52 8.20 -8.39
C LEU B 102 -2.90 9.38 -7.54
N LEU B 103 -3.11 10.52 -8.19
CA LEU B 103 -3.39 11.78 -7.56
C LEU B 103 -4.47 12.49 -8.36
N TYR B 104 -5.42 13.12 -7.66
CA TYR B 104 -6.43 14.00 -8.28
C TYR B 104 -6.39 15.30 -7.54
N GLY B 105 -5.60 16.22 -8.07
CA GLY B 105 -5.30 17.48 -7.39
C GLY B 105 -4.77 17.12 -6.02
N GLU B 106 -5.28 17.81 -5.00
CA GLU B 106 -4.95 17.49 -3.61
C GLU B 106 -6.09 16.77 -2.91
N GLU B 107 -7.00 16.16 -3.66
CA GLU B 107 -8.19 15.56 -3.08
C GLU B 107 -7.84 14.19 -2.45
N MET B 108 -8.58 13.87 -1.41
CA MET B 108 -8.53 12.57 -0.75
C MET B 108 -9.94 12.00 -0.80
N ILE B 109 -10.08 10.86 -1.45
CA ILE B 109 -11.36 10.23 -1.75
C ILE B 109 -11.29 8.79 -1.26
N ASP B 110 -12.31 8.34 -0.55
CA ASP B 110 -12.32 6.97 -0.02
C ASP B 110 -13.71 6.40 -0.24
N LEU B 111 -13.98 5.97 -1.46
CA LEU B 111 -15.28 5.37 -1.79
C LEU B 111 -15.07 3.91 -2.07
N PRO B 112 -16.14 3.09 -2.00
CA PRO B 112 -15.96 1.65 -2.27
C PRO B 112 -15.19 1.37 -3.58
N LYS B 113 -15.48 2.06 -4.64
CA LYS B 113 -14.79 1.82 -5.89
C LYS B 113 -13.59 2.70 -6.23
N LEU B 114 -13.20 3.55 -5.31
CA LEU B 114 -12.19 4.58 -5.61
C LEU B 114 -11.49 5.10 -4.36
N SER B 115 -10.20 4.86 -4.28
CA SER B 115 -9.31 5.41 -3.26
C SER B 115 -8.23 6.22 -3.94
N VAL B 116 -8.17 7.52 -3.57
CA VAL B 116 -7.23 8.48 -4.11
C VAL B 116 -6.74 9.35 -2.95
N PRO B 117 -5.44 9.60 -2.80
CA PRO B 117 -4.36 9.01 -3.57
C PRO B 117 -4.31 7.49 -3.52
N HIS B 118 -3.74 6.89 -4.54
CA HIS B 118 -3.67 5.46 -4.64
C HIS B 118 -3.07 4.92 -3.33
N PRO B 119 -3.70 3.93 -2.69
CA PRO B 119 -3.26 3.55 -1.35
C PRO B 119 -1.84 2.99 -1.22
N ARG B 120 -1.26 2.48 -2.31
CA ARG B 120 0.08 1.87 -2.27
C ARG B 120 1.17 2.69 -2.93
N MET B 121 0.84 3.86 -3.47
CA MET B 121 1.80 4.57 -4.33
C MET B 121 3.08 5.01 -3.60
N ASN B 122 2.96 5.39 -2.33
CA ASN B 122 4.11 5.92 -1.59
C ASN B 122 5.23 4.91 -1.31
N GLU B 123 4.95 3.62 -1.53
CA GLU B 123 5.90 2.56 -1.26
C GLU B 123 6.27 1.77 -2.52
N ARG B 124 5.98 2.33 -3.69
CA ARG B 124 6.18 1.63 -4.97
C ARG B 124 7.14 2.41 -5.83
N ALA B 125 8.34 1.88 -6.01
CA ALA B 125 9.33 2.51 -6.88
C ALA B 125 8.84 2.59 -8.32
N PHE B 126 8.07 1.60 -8.77
CA PHE B 126 7.55 1.58 -10.12
C PHE B 126 6.58 2.74 -10.41
N VAL B 127 6.01 3.34 -9.34
CA VAL B 127 5.24 4.57 -9.43
C VAL B 127 6.12 5.79 -9.20
N LEU B 128 6.78 5.85 -8.04
CA LEU B 128 7.46 7.06 -7.64
C LEU B 128 8.62 7.52 -8.54
N ILE B 129 9.38 6.59 -9.09
CA ILE B 129 10.53 6.93 -9.92
C ILE B 129 10.03 7.64 -11.20
N PRO B 130 9.08 7.02 -11.93
CA PRO B 130 8.52 7.80 -13.07
C PRO B 130 7.73 9.03 -12.66
N LEU B 131 6.97 8.96 -11.58
CA LEU B 131 6.23 10.14 -11.11
C LEU B 131 7.16 11.33 -10.81
N ASN B 132 8.29 11.05 -10.18
CA ASN B 132 9.31 12.06 -9.91
C ASN B 132 9.84 12.75 -11.18
N ASP B 133 9.90 12.02 -12.30
CA ASP B 133 10.33 12.64 -13.55
C ASP B 133 9.39 13.77 -14.01
N ILE B 134 8.11 13.69 -13.69
CA ILE B 134 7.11 14.66 -14.17
C ILE B 134 6.40 15.46 -13.06
N ALA B 135 6.60 15.08 -11.80
CA ALA B 135 5.85 15.68 -10.72
C ALA B 135 6.66 15.81 -9.46
N ALA B 136 7.94 16.08 -9.60
CA ALA B 136 8.88 16.17 -8.47
C ALA B 136 8.38 17.09 -7.34
N ASN B 137 7.76 18.20 -7.71
CA ASN B 137 7.32 19.20 -6.77
C ASN B 137 5.84 19.19 -6.40
N VAL B 138 5.11 18.17 -6.85
CA VAL B 138 3.72 17.99 -6.51
C VAL B 138 3.60 17.34 -5.13
N VAL B 139 2.62 17.81 -4.36
CA VAL B 139 2.46 17.39 -2.96
C VAL B 139 1.48 16.21 -2.94
N GLU B 140 1.94 15.09 -2.39
CA GLU B 140 1.07 13.97 -2.07
C GLU B 140 0.28 14.34 -0.79
N PRO B 141 -1.06 14.45 -0.88
CA PRO B 141 -1.81 15.12 0.22
C PRO B 141 -1.94 14.37 1.54
N ARG B 142 -1.81 13.03 1.55
CA ARG B 142 -1.89 12.29 2.82
C ARG B 142 -0.64 12.55 3.66
N SER B 143 0.52 12.31 3.05
CA SER B 143 1.82 12.49 3.71
C SER B 143 2.20 13.95 3.81
N LYS B 144 1.65 14.76 2.89
CA LYS B 144 2.00 16.19 2.75
C LYS B 144 3.44 16.41 2.29
N LEU B 145 4.03 15.41 1.65
CA LEU B 145 5.38 15.50 1.10
C LEU B 145 5.32 15.67 -0.40
N LYS B 146 6.31 16.36 -0.94
CA LYS B 146 6.51 16.38 -2.37
C LYS B 146 6.96 15.01 -2.82
N VAL B 147 6.60 14.66 -4.05
CA VAL B 147 7.02 13.40 -4.65
C VAL B 147 8.56 13.23 -4.54
N LYS B 148 9.32 14.29 -4.75
CA LYS B 148 10.80 14.17 -4.69
C LYS B 148 11.33 13.81 -3.31
N ASP B 149 10.54 14.06 -2.26
CA ASP B 149 10.87 13.61 -0.90
C ASP B 149 10.36 12.20 -0.56
N LEU B 150 9.49 11.64 -1.40
CA LEU B 150 9.04 10.26 -1.26
C LEU B 150 9.88 9.27 -2.11
N VAL B 151 10.37 9.72 -3.27
CA VAL B 151 11.05 8.81 -4.19
C VAL B 151 12.31 8.20 -3.56
N PHE B 152 12.54 6.92 -3.83
CA PHE B 152 13.76 6.24 -3.36
C PHE B 152 14.37 5.42 -4.48
N VAL B 153 15.66 5.14 -4.36
CA VAL B 153 16.39 4.34 -5.35
C VAL B 153 15.91 2.88 -5.24
N ASP B 154 15.70 2.23 -6.37
CA ASP B 154 15.32 0.81 -6.37
C ASP B 154 15.90 0.13 -7.62
N ASP B 155 16.78 -0.85 -7.40
CA ASP B 155 17.46 -1.63 -8.47
C ASP B 155 16.55 -2.46 -9.38
N SER B 156 15.33 -2.75 -8.89
CA SER B 156 14.34 -3.47 -9.67
C SER B 156 13.57 -2.60 -10.68
N VAL B 157 13.86 -1.29 -10.74
CA VAL B 157 13.22 -0.35 -11.67
C VAL B 157 14.35 0.22 -12.55
N LYS B 158 14.30 -0.05 -13.85
CA LYS B 158 15.35 0.37 -14.76
C LYS B 158 14.70 1.10 -15.92
N ARG B 159 15.38 2.14 -16.38
CA ARG B 159 14.93 2.83 -17.56
C ARG B 159 14.90 1.85 -18.75
N TYR B 160 13.77 1.78 -19.43
CA TYR B 160 13.63 0.88 -20.57
C TYR B 160 14.28 1.50 -21.83
MG MG C . 0.69 1.42 10.43
MG MG D . -2.08 2.38 12.23
PG APC E . -0.40 2.61 7.68
O1G APC E . 0.24 2.92 6.35
O2G APC E . -1.86 2.31 7.57
O3G APC E . 0.36 1.53 8.40
PB APC E . -0.77 4.22 10.19
O1B APC E . 0.34 5.21 10.35
O2B APC E . -0.84 2.73 10.48
O3B APC E . -0.40 4.00 8.60
PA APC E . -2.82 5.43 11.57
O1A APC E . -2.94 6.88 11.80
O2A APC E . -2.64 4.32 12.55
C3A APC E . -2.35 4.95 9.87
O5' APC E . -4.41 5.07 11.47
C5' APC E . -5.47 5.94 11.07
C4' APC E . -6.78 5.21 10.81
O4' APC E . -6.59 4.12 9.91
C3' APC E . -7.45 4.54 12.01
O3' APC E . -8.18 5.45 12.82
C2' APC E . -8.38 3.52 11.39
O2' APC E . -9.77 3.91 11.35
C1' APC E . -7.82 3.40 9.97
N9 APC E . -7.57 2.03 9.55
C8 APC E . -7.96 1.54 8.35
N7 APC E . -7.62 0.27 8.20
C5 APC E . -6.97 -0.06 9.37
C6 APC E . -6.39 -1.25 9.80
N6 APC E . -6.39 -2.39 8.98
N1 APC E . -5.82 -1.29 11.02
C2 APC E . -5.85 -0.17 11.76
N3 APC E . -6.38 1.02 11.45
C4 APC E . -6.93 1.00 10.22
C01 YH2 F . 6.44 0.83 10.40
N02 YH2 F . 7.69 0.40 10.24
C03 YH2 F . 8.39 0.86 9.20
N04 YH2 F . 7.96 1.73 8.28
C05 YH2 F . 6.70 2.15 8.45
C06 YH2 F . 5.91 1.72 9.49
O07 YH2 F . 5.76 0.34 11.45
N08 YH2 F . 9.72 0.40 9.06
N09 YH2 F . 6.01 3.02 7.65
C10 YH2 F . 4.81 3.12 8.19
N11 YH2 F . 4.71 2.36 9.32
S12 YH2 F . 3.50 4.12 7.57
C13 YH2 F . 4.28 5.73 6.95
C14 YH2 F . 5.10 6.45 8.01
C15 YH2 F . 4.52 7.30 8.94
C16 YH2 F . 5.29 7.90 9.92
C17 YH2 F . 6.64 7.64 9.99
C18 YH2 F . 7.23 6.80 9.08
C19 YH2 F . 6.45 6.23 8.10
C20 YH2 F . 7.45 8.17 11.02
N21 YH2 F . 8.12 8.59 11.87
NA NA G . -8.42 -11.34 26.70
NA NA H . -11.99 2.31 1.09
MG MG I . -5.66 -0.85 -11.40
MG MG J . -2.33 -1.19 -10.22
PG APC K . -3.21 -1.99 -7.26
O1G APC K . -2.26 -1.29 -8.19
O2G APC K . -4.37 -1.15 -6.81
O3G APC K . -2.45 -2.65 -6.13
PB APC K . -4.65 -3.13 -9.50
O1B APC K . -4.35 -4.39 -10.28
O2B APC K . -4.34 -1.76 -10.11
O3B APC K . -3.88 -3.24 -8.08
PA APC K . -7.46 -3.34 -10.53
O1A APC K . -6.79 -2.53 -11.61
O2A APC K . -7.72 -4.80 -10.78
C3A APC K . -6.40 -3.19 -9.09
O5' APC K . -8.80 -2.48 -10.22
C5' APC K . -9.82 -2.95 -9.34
C4' APC K . -10.68 -1.75 -8.91
O4' APC K . -9.90 -0.80 -8.21
C3' APC K . -11.28 -0.91 -10.02
O3' APC K . -12.51 -1.45 -10.46
C2' APC K . -11.51 0.43 -9.37
O2' APC K . -12.88 0.61 -9.07
C1' APC K . -10.77 0.32 -8.06
N9 APC K . -9.95 1.47 -7.71
C8 APC K . -9.87 1.98 -6.44
N7 APC K . -9.04 3.01 -6.39
C5 APC K . -8.56 3.15 -7.68
C6 APC K . -7.66 4.05 -8.24
N6 APC K . -7.04 5.05 -7.49
N1 APC K . -7.38 3.95 -9.56
C2 APC K . -7.99 2.98 -10.25
N3 APC K . -8.88 2.07 -9.82
C4 APC K . -9.12 2.21 -8.51
C01 YH2 L . 2.97 -2.88 -11.57
N02 YH2 L . 4.29 -2.98 -11.73
C03 YH2 L . 4.97 -3.77 -10.88
N04 YH2 L . 4.46 -4.49 -9.88
C05 YH2 L . 3.12 -4.39 -9.73
C06 YH2 L . 2.36 -3.59 -10.55
O07 YH2 L . 2.31 -2.05 -12.43
N08 YH2 L . 6.35 -3.83 -11.08
N09 YH2 L . 2.36 -5.02 -8.78
C10 YH2 L . 1.13 -4.60 -9.02
N11 YH2 L . 1.09 -3.74 -10.10
S12 YH2 L . -0.31 -5.04 -8.13
C13 YH2 L . -0.07 -6.86 -7.64
C14 YH2 L . 0.18 -7.74 -8.85
C15 YH2 L . 1.47 -8.09 -9.21
C16 YH2 L . 1.73 -8.83 -10.34
C17 YH2 L . 0.68 -9.26 -11.12
C18 YH2 L . -0.61 -8.93 -10.78
C19 YH2 L . -0.86 -8.18 -9.64
C20 YH2 L . 0.95 -9.98 -12.31
N21 YH2 L . 1.15 -10.56 -13.29
NA NA M . -8.92 15.27 -24.63
#